data_1DD7
#
_entry.id   1DD7
#
_cell.length_a   63.42
_cell.length_b   73.93
_cell.length_c   93.64
_cell.angle_alpha   90.
_cell.angle_beta   90.
_cell.angle_gamma   90.
#
_symmetry.space_group_name_H-M   'P 21 21 21'
#
loop_
_entity.id
_entity.type
_entity.pdbx_description
1 polymer 'INDUCIBLE NITRIC OXIDE SYNTHASE'
2 non-polymer 'SULFITE ION'
3 non-polymer 'PROTOPORPHYRIN IX CONTAINING FE'
4 non-polymer 'methyl (3S)-3-{2-[(1,3-benzodioxol-5-ylmethyl)amino]-2-oxoethyl}-4-[2-(1H-imidazol-1-yl)pyrimidin-4-yl]piperazine-1-carboxylate'
5 water water
#
_entity_poly.entity_id   1
_entity_poly.type   'polypeptide(L)'
_entity_poly.pdbx_seq_one_letter_code
;MNPKSLTRGPRDKPTPLEELLPHAIEFINQYYGSFKEAKIEEHLARLEAVTKEIETTGTYQLTLDELIFATKMAWRNAPR
CIGRIQWSNLQVFDARNCSTAQEMFQHICRHILYATNNGNIRSAITVFPQRSDGKHDFRLWNSQLIRYAGYQMPDGTIRG
DAATLEFTQLCIDLGWKPRYGRFDVLPLVLQADGQDPEVFEIPPDLVLEVTMEHPKYEWFQELGLKWYALPAVANMLLEV
GGLEFPACPFNGWYMGTEIGVRDFCDTQRYNILEEVGRRMGLETHTLASLWKDRAVTEINVAVLHSFQKQNVTIMDHHTA
SESFMKHMQNEYRARGGCPADWIWLVPPVSGSITPVFHQEMLNYVLSPFYYYQIEPWKTHIWQNEHHHH
;
_entity_poly.pdbx_strand_id   A
#
# COMPACT_ATOMS: atom_id res chain seq x y z
N MET A 1 26.51 3.36 15.36
CA MET A 1 25.24 3.70 14.72
C MET A 1 24.02 3.49 15.63
N ASN A 2 22.92 4.06 15.19
CA ASN A 2 21.63 3.97 15.88
C ASN A 2 20.53 4.03 14.84
N PRO A 3 20.55 3.10 13.85
CA PRO A 3 19.49 3.13 12.85
C PRO A 3 18.19 2.67 13.51
N LYS A 4 17.05 3.11 13.01
CA LYS A 4 15.78 2.69 13.60
C LYS A 4 15.29 1.48 12.82
N SER A 5 14.38 0.74 13.44
CA SER A 5 13.78 -0.42 12.81
C SER A 5 12.82 0.05 11.69
N LEU A 6 12.84 -0.65 10.56
CA LEU A 6 11.97 -0.37 9.42
C LEU A 6 10.69 -1.21 9.47
N THR A 7 10.55 -2.01 10.52
CA THR A 7 9.41 -2.90 10.76
C THR A 7 8.58 -2.29 11.92
N ARG A 8 7.26 -2.36 11.78
CA ARG A 8 6.36 -1.87 12.82
C ARG A 8 5.44 -3.06 13.10
N GLY A 9 5.69 -3.75 14.21
CA GLY A 9 4.91 -4.92 14.54
C GLY A 9 3.48 -4.75 15.05
N PRO A 10 2.83 -5.86 15.45
CA PRO A 10 1.47 -5.86 15.96
C PRO A 10 1.38 -5.38 17.42
N ARG A 11 0.16 -5.03 17.81
CA ARG A 11 -0.22 -4.54 19.14
C ARG A 11 -1.45 -5.38 19.52
N ASP A 12 -1.69 -5.59 20.80
CA ASP A 12 -2.85 -6.36 21.25
C ASP A 12 -3.73 -5.43 22.06
N LYS A 13 -3.39 -4.15 22.02
CA LYS A 13 -4.16 -3.17 22.75
C LYS A 13 -3.88 -1.83 22.10
N PRO A 14 -4.82 -0.88 22.21
CA PRO A 14 -4.73 0.48 21.66
C PRO A 14 -3.50 1.23 22.16
N THR A 15 -3.18 2.32 21.47
CA THR A 15 -2.04 3.13 21.86
C THR A 15 -2.44 4.02 23.03
N PRO A 16 -1.53 4.15 24.02
CA PRO A 16 -1.78 4.96 25.20
C PRO A 16 -1.98 6.36 24.70
N LEU A 17 -3.00 7.03 25.22
CA LEU A 17 -3.29 8.40 24.83
C LEU A 17 -2.05 9.23 25.13
N GLU A 18 -1.27 8.79 26.10
CA GLU A 18 -0.04 9.47 26.47
C GLU A 18 1.05 9.22 25.43
N GLU A 19 0.82 8.26 24.55
CA GLU A 19 1.78 8.02 23.50
C GLU A 19 1.25 8.65 22.21
N LEU A 20 -0.03 8.43 21.97
CA LEU A 20 -0.70 8.95 20.79
C LEU A 20 -0.70 10.48 20.66
N LEU A 21 -1.07 11.19 21.73
CA LEU A 21 -1.12 12.67 21.72
C LEU A 21 0.10 13.45 21.20
N PRO A 22 1.29 13.26 21.82
CA PRO A 22 2.43 14.01 21.29
C PRO A 22 2.62 13.81 19.80
N HIS A 23 2.32 12.58 19.33
CA HIS A 23 2.42 12.20 17.91
C HIS A 23 1.35 12.89 17.05
N ALA A 24 0.10 12.85 17.50
CA ALA A 24 -1.00 13.50 16.78
C ALA A 24 -0.68 15.00 16.62
N ILE A 25 -0.26 15.64 17.72
CA ILE A 25 0.09 17.07 17.71
C ILE A 25 1.21 17.42 16.72
N GLU A 26 2.24 16.60 16.65
CA GLU A 26 3.34 16.87 15.74
C GLU A 26 2.93 16.71 14.29
N PHE A 27 2.00 15.81 14.00
CA PHE A 27 1.52 15.64 12.62
C PHE A 27 0.67 16.85 12.21
N ILE A 28 -0.26 17.26 13.05
CA ILE A 28 -1.11 18.43 12.78
C ILE A 28 -0.18 19.62 12.58
N ASN A 29 0.95 19.62 13.29
CA ASN A 29 1.91 20.70 13.17
C ASN A 29 2.49 20.75 11.78
N GLN A 30 3.10 19.65 11.35
CA GLN A 30 3.70 19.61 10.02
C GLN A 30 2.68 19.71 8.90
N TYR A 31 1.47 19.22 9.15
CA TYR A 31 0.43 19.30 8.16
C TYR A 31 0.07 20.77 7.95
N TYR A 32 -0.21 21.47 9.05
CA TYR A 32 -0.58 22.89 8.99
C TYR A 32 0.57 23.80 8.67
N GLY A 33 1.76 23.35 9.01
CA GLY A 33 2.95 24.12 8.70
C GLY A 33 3.11 24.19 7.18
N SER A 34 2.52 23.25 6.44
CA SER A 34 2.60 23.22 4.97
C SER A 34 1.94 24.47 4.36
N PHE A 35 1.13 25.15 5.17
CA PHE A 35 0.48 26.39 4.76
C PHE A 35 1.31 27.42 5.50
N LYS A 36 2.62 27.37 5.24
CA LYS A 36 3.65 28.22 5.84
C LYS A 36 3.19 29.11 6.99
N GLU A 37 2.81 30.35 6.66
CA GLU A 37 2.36 31.29 7.67
C GLU A 37 0.83 31.34 7.75
N ALA A 38 0.16 30.64 6.83
CA ALA A 38 -1.29 30.61 6.75
C ALA A 38 -2.00 29.69 7.74
N LYS A 39 -3.27 30.03 7.98
CA LYS A 39 -4.19 29.31 8.87
C LYS A 39 -3.74 28.89 10.27
N ILE A 40 -3.24 29.84 11.07
CA ILE A 40 -2.79 29.54 12.43
C ILE A 40 -3.97 29.26 13.35
N GLU A 41 -5.08 29.91 13.05
CA GLU A 41 -6.30 29.74 13.81
C GLU A 41 -6.88 28.36 13.48
N GLU A 42 -6.67 27.93 12.24
CA GLU A 42 -7.17 26.65 11.76
C GLU A 42 -6.38 25.56 12.45
N HIS A 43 -5.09 25.80 12.58
CA HIS A 43 -4.18 24.87 13.21
C HIS A 43 -4.56 24.60 14.67
N LEU A 44 -4.68 25.67 15.45
CA LEU A 44 -5.02 25.63 16.87
C LEU A 44 -6.31 24.89 17.15
N ALA A 45 -7.28 25.18 16.31
CA ALA A 45 -8.59 24.58 16.38
C ALA A 45 -8.48 23.07 16.16
N ARG A 46 -7.79 22.68 15.09
CA ARG A 46 -7.60 21.27 14.79
C ARG A 46 -6.95 20.59 15.99
N LEU A 47 -5.96 21.25 16.59
CA LEU A 47 -5.29 20.69 17.75
C LEU A 47 -6.28 20.36 18.87
N GLU A 48 -7.16 21.30 19.19
CA GLU A 48 -8.16 21.07 20.22
C GLU A 48 -9.11 19.93 19.92
N ALA A 49 -9.67 19.94 18.72
CA ALA A 49 -10.63 18.91 18.31
C ALA A 49 -10.02 17.51 18.36
N VAL A 50 -8.80 17.38 17.84
CA VAL A 50 -8.08 16.10 17.82
C VAL A 50 -7.85 15.62 19.26
N THR A 51 -7.37 16.51 20.12
CA THR A 51 -7.07 16.21 21.53
C THR A 51 -8.33 15.75 22.27
N LYS A 52 -9.38 16.52 22.10
CA LYS A 52 -10.65 16.23 22.72
C LYS A 52 -11.08 14.83 22.25
N GLU A 53 -10.99 14.60 20.94
CA GLU A 53 -11.36 13.32 20.35
C GLU A 53 -10.56 12.11 20.86
N ILE A 54 -9.25 12.28 21.00
CA ILE A 54 -8.40 11.20 21.51
C ILE A 54 -8.82 10.95 22.95
N GLU A 55 -9.11 12.03 23.66
CA GLU A 55 -9.50 11.92 25.06
C GLU A 55 -10.87 11.30 25.27
N THR A 56 -11.76 11.45 24.32
CA THR A 56 -13.07 10.85 24.47
C THR A 56 -13.17 9.48 23.78
N THR A 57 -12.79 9.39 22.52
CA THR A 57 -12.87 8.13 21.79
C THR A 57 -11.65 7.27 21.99
N GLY A 58 -10.60 7.85 22.58
CA GLY A 58 -9.37 7.09 22.77
C GLY A 58 -8.50 7.06 21.50
N THR A 59 -8.97 7.69 20.43
CA THR A 59 -8.23 7.75 19.15
C THR A 59 -8.68 8.97 18.34
N TYR A 60 -8.30 9.03 17.07
CA TYR A 60 -8.76 10.12 16.22
C TYR A 60 -8.78 9.79 14.71
N GLN A 61 -9.66 10.45 13.98
CA GLN A 61 -9.81 10.29 12.53
C GLN A 61 -9.16 11.46 11.76
N LEU A 62 -8.29 11.12 10.83
CA LEU A 62 -7.63 12.15 10.02
C LEU A 62 -8.68 12.63 9.03
N THR A 63 -8.47 13.82 8.48
CA THR A 63 -9.38 14.31 7.46
C THR A 63 -8.84 13.69 6.17
N LEU A 64 -9.63 13.69 5.11
CA LEU A 64 -9.24 13.12 3.82
C LEU A 64 -8.04 13.88 3.36
N ASP A 65 -8.05 15.17 3.65
CA ASP A 65 -6.94 15.99 3.28
C ASP A 65 -5.67 15.68 4.03
N GLU A 66 -5.79 15.43 5.33
CA GLU A 66 -4.64 15.04 6.15
C GLU A 66 -4.16 13.66 5.67
N LEU A 67 -5.08 12.77 5.31
CA LEU A 67 -4.73 11.42 4.82
C LEU A 67 -3.89 11.53 3.51
N ILE A 68 -4.44 12.22 2.52
CA ILE A 68 -3.75 12.45 1.24
C ILE A 68 -2.34 13.04 1.49
N PHE A 69 -2.25 13.99 2.42
CA PHE A 69 -0.96 14.62 2.77
C PHE A 69 0.01 13.58 3.38
N ALA A 70 -0.52 12.69 4.20
CA ALA A 70 0.27 11.65 4.88
C ALA A 70 0.81 10.63 3.90
N THR A 71 -0.05 10.19 2.99
CA THR A 71 0.34 9.22 1.97
C THR A 71 1.47 9.78 1.08
N LYS A 72 1.39 11.07 0.75
CA LYS A 72 2.39 11.69 -0.10
C LYS A 72 3.71 11.95 0.63
N MET A 73 3.60 12.34 1.89
CA MET A 73 4.77 12.61 2.74
C MET A 73 5.49 11.32 3.08
N ALA A 74 4.73 10.25 3.32
CA ALA A 74 5.32 8.95 3.61
C ALA A 74 6.07 8.42 2.36
N TRP A 75 5.57 8.76 1.17
CA TRP A 75 6.18 8.34 -0.09
C TRP A 75 7.50 9.11 -0.23
N ARG A 76 7.45 10.40 0.07
CA ARG A 76 8.64 11.24 -0.02
C ARG A 76 9.73 10.74 0.89
N ASN A 77 9.33 10.17 2.04
CA ASN A 77 10.24 9.65 3.05
C ASN A 77 10.72 8.23 2.75
N ALA A 78 10.23 7.57 1.68
CA ALA A 78 10.67 6.23 1.32
C ALA A 78 12.08 6.37 0.73
N PRO A 79 13.12 6.08 1.54
CA PRO A 79 14.54 6.18 1.18
C PRO A 79 14.90 5.56 -0.17
N ARG A 80 14.67 4.27 -0.32
CA ARG A 80 14.97 3.58 -1.57
C ARG A 80 14.02 3.82 -2.79
N CYS A 81 12.86 4.48 -2.61
CA CYS A 81 11.99 4.71 -3.75
C CYS A 81 12.50 5.75 -4.75
N ILE A 82 12.77 5.31 -5.99
CA ILE A 82 13.20 6.24 -7.02
C ILE A 82 12.05 7.10 -7.57
N GLY A 83 10.82 6.59 -7.54
CA GLY A 83 9.71 7.36 -8.04
C GLY A 83 9.21 8.48 -7.14
N ARG A 84 9.72 8.57 -5.92
CA ARG A 84 9.30 9.60 -4.95
C ARG A 84 9.67 11.03 -5.34
N ILE A 85 10.46 11.17 -6.41
CA ILE A 85 10.90 12.45 -6.95
C ILE A 85 9.65 13.21 -7.40
N GLN A 86 8.65 12.45 -7.83
CA GLN A 86 7.39 13.01 -8.29
C GLN A 86 6.21 12.61 -7.39
N TRP A 87 6.46 12.68 -6.09
CA TRP A 87 5.51 12.33 -5.02
C TRP A 87 4.15 12.99 -5.05
N SER A 88 3.99 14.07 -5.80
CA SER A 88 2.69 14.72 -5.85
C SER A 88 1.75 13.98 -6.78
N ASN A 89 2.29 13.11 -7.64
CA ASN A 89 1.43 12.35 -8.55
C ASN A 89 0.95 11.05 -7.90
N LEU A 90 -0.04 11.17 -7.01
CA LEU A 90 -0.57 10.01 -6.31
C LEU A 90 -2.07 10.14 -6.11
N GLN A 91 -2.79 9.08 -6.47
CA GLN A 91 -4.25 9.02 -6.34
C GLN A 91 -4.58 8.24 -5.08
N VAL A 92 -5.29 8.86 -4.17
CA VAL A 92 -5.64 8.23 -2.92
C VAL A 92 -7.08 7.71 -2.96
N PHE A 93 -7.28 6.44 -2.58
CA PHE A 93 -8.60 5.81 -2.50
C PHE A 93 -8.89 5.51 -1.02
N ASP A 94 -9.86 6.22 -0.48
CA ASP A 94 -10.25 6.12 0.91
C ASP A 94 -11.22 4.93 1.21
N ALA A 95 -10.70 3.85 1.76
CA ALA A 95 -11.50 2.68 2.09
C ALA A 95 -11.48 2.51 3.60
N ARG A 96 -11.38 3.63 4.32
CA ARG A 96 -11.32 3.59 5.75
C ARG A 96 -12.62 3.12 6.37
N ASN A 97 -13.65 3.08 5.54
CA ASN A 97 -14.97 2.62 5.95
C ASN A 97 -15.14 1.12 5.58
N CYS A 98 -14.12 0.48 5.00
CA CYS A 98 -14.23 -0.93 4.61
C CYS A 98 -14.46 -1.79 5.83
N SER A 99 -15.28 -2.82 5.69
CA SER A 99 -15.56 -3.69 6.82
C SER A 99 -15.53 -5.17 6.54
N THR A 100 -15.50 -5.56 5.28
CA THR A 100 -15.47 -6.99 4.96
C THR A 100 -14.42 -7.27 3.89
N ALA A 101 -14.03 -8.54 3.78
CA ALA A 101 -13.04 -8.97 2.77
C ALA A 101 -13.60 -8.86 1.36
N GLN A 102 -14.90 -8.98 1.24
CA GLN A 102 -15.57 -8.85 -0.07
C GLN A 102 -15.43 -7.40 -0.51
N GLU A 103 -15.59 -6.48 0.45
CA GLU A 103 -15.49 -5.05 0.20
C GLU A 103 -14.04 -4.71 -0.13
N MET A 104 -13.12 -5.27 0.65
CA MET A 104 -11.68 -5.10 0.40
C MET A 104 -11.37 -5.50 -1.05
N PHE A 105 -11.88 -6.65 -1.44
CA PHE A 105 -11.69 -7.22 -2.78
C PHE A 105 -12.16 -6.20 -3.79
N GLN A 106 -13.38 -5.72 -3.62
CA GLN A 106 -13.93 -4.72 -4.55
C GLN A 106 -13.06 -3.47 -4.64
N HIS A 107 -12.56 -3.00 -3.50
CA HIS A 107 -11.69 -1.82 -3.46
C HIS A 107 -10.40 -2.12 -4.22
N ILE A 108 -9.80 -3.28 -3.96
CA ILE A 108 -8.58 -3.66 -4.63
C ILE A 108 -8.85 -3.77 -6.13
N CYS A 109 -10.01 -4.30 -6.50
CA CYS A 109 -10.39 -4.41 -7.91
C CYS A 109 -10.42 -3.02 -8.56
N ARG A 110 -11.01 -2.06 -7.88
CA ARG A 110 -11.11 -0.67 -8.34
C ARG A 110 -9.71 -0.04 -8.53
N HIS A 111 -8.80 -0.27 -7.58
CA HIS A 111 -7.40 0.23 -7.63
C HIS A 111 -6.65 -0.33 -8.84
N ILE A 112 -6.64 -1.66 -8.97
CA ILE A 112 -5.96 -2.32 -10.08
C ILE A 112 -6.36 -1.76 -11.41
N LEU A 113 -7.67 -1.58 -11.60
CA LEU A 113 -8.27 -1.02 -12.81
C LEU A 113 -7.78 0.42 -13.13
N TYR A 114 -7.97 1.32 -12.15
CA TYR A 114 -7.54 2.71 -12.26
C TYR A 114 -6.05 2.79 -12.54
N ALA A 115 -5.28 2.13 -11.68
CA ALA A 115 -3.83 2.12 -11.75
C ALA A 115 -3.28 1.58 -13.06
N THR A 116 -3.76 0.41 -13.48
CA THR A 116 -3.31 -0.22 -14.73
C THR A 116 -3.61 0.73 -15.90
N ASN A 117 -4.84 1.21 -15.96
CA ASN A 117 -5.24 2.16 -16.98
C ASN A 117 -4.78 1.79 -18.38
N ASN A 118 -5.00 0.53 -18.74
CA ASN A 118 -4.64 0.02 -20.07
C ASN A 118 -3.16 0.11 -20.43
N GLY A 119 -2.28 0.22 -19.45
CA GLY A 119 -0.86 0.29 -19.76
C GLY A 119 -0.31 1.65 -19.39
N ASN A 120 -1.16 2.65 -19.48
CA ASN A 120 -0.76 4.01 -19.13
C ASN A 120 -0.89 4.13 -17.61
N ILE A 121 0.07 3.50 -16.93
CA ILE A 121 0.11 3.42 -15.47
C ILE A 121 -0.03 4.71 -14.71
N ARG A 122 -0.91 4.69 -13.71
CA ARG A 122 -1.14 5.82 -12.80
C ARG A 122 -0.85 5.31 -11.37
N SER A 123 -0.08 6.08 -10.57
CA SER A 123 0.20 5.72 -9.17
C SER A 123 -1.00 5.90 -8.20
N ALA A 124 -1.31 4.88 -7.41
CA ALA A 124 -2.45 5.04 -6.51
C ALA A 124 -2.21 4.30 -5.18
N ILE A 125 -2.97 4.68 -4.16
CA ILE A 125 -2.89 4.01 -2.89
C ILE A 125 -4.34 3.91 -2.42
N THR A 126 -4.67 2.78 -1.82
CA THR A 126 -6.00 2.55 -1.26
C THR A 126 -5.77 2.32 0.21
N VAL A 127 -6.31 3.22 1.03
CA VAL A 127 -6.13 3.14 2.48
C VAL A 127 -7.30 2.53 3.22
N PHE A 128 -7.02 1.43 3.92
CA PHE A 128 -8.04 0.71 4.66
C PHE A 128 -8.11 1.25 6.09
N PRO A 129 -9.04 0.73 6.91
CA PRO A 129 -9.18 1.20 8.29
C PRO A 129 -7.94 1.07 9.17
N GLN A 130 -7.73 2.09 10.00
CA GLN A 130 -6.61 2.11 10.91
C GLN A 130 -6.77 1.12 12.03
N ARG A 131 -5.62 0.66 12.50
CA ARG A 131 -5.55 -0.26 13.61
C ARG A 131 -6.21 0.42 14.83
N SER A 132 -7.06 -0.33 15.51
CA SER A 132 -7.74 0.13 16.72
C SER A 132 -7.01 -0.48 17.92
N ASP A 133 -7.39 -1.70 18.30
CA ASP A 133 -6.75 -2.36 19.43
C ASP A 133 -5.70 -3.33 18.96
N GLY A 134 -5.58 -3.47 17.64
CA GLY A 134 -4.61 -4.39 17.10
C GLY A 134 -5.22 -5.76 16.93
N LYS A 135 -6.41 -5.95 17.48
CA LYS A 135 -7.11 -7.22 17.36
C LYS A 135 -8.18 -7.24 16.26
N HIS A 136 -8.21 -6.21 15.42
CA HIS A 136 -9.20 -6.19 14.35
C HIS A 136 -8.57 -5.68 13.08
N ASP A 137 -7.32 -6.09 12.86
CA ASP A 137 -6.51 -5.66 11.72
C ASP A 137 -6.96 -6.08 10.35
N PHE A 138 -6.84 -5.14 9.43
CA PHE A 138 -7.13 -5.36 8.03
C PHE A 138 -5.73 -5.62 7.49
N ARG A 139 -5.56 -6.66 6.67
CA ARG A 139 -4.27 -6.98 6.11
C ARG A 139 -4.40 -7.72 4.78
N LEU A 140 -3.47 -7.44 3.88
CA LEU A 140 -3.34 -8.14 2.60
C LEU A 140 -2.14 -9.07 2.87
N TRP A 141 -2.39 -10.38 2.86
CA TRP A 141 -1.30 -11.33 3.12
C TRP A 141 -0.26 -11.38 1.99
N ASN A 142 -0.67 -10.97 0.78
CA ASN A 142 0.21 -10.92 -0.39
C ASN A 142 1.31 -9.88 -0.17
N SER A 143 2.42 -10.01 -0.90
CA SER A 143 3.52 -9.06 -0.80
C SER A 143 3.30 -8.01 -1.90
N GLN A 144 2.68 -8.43 -3.00
CA GLN A 144 2.34 -7.56 -4.13
C GLN A 144 0.91 -7.91 -4.58
N LEU A 145 0.16 -6.95 -5.10
CA LEU A 145 -1.20 -7.21 -5.58
C LEU A 145 -1.21 -8.30 -6.66
N ILE A 146 -0.29 -8.16 -7.60
CA ILE A 146 -0.17 -9.12 -8.68
C ILE A 146 1.23 -9.78 -8.64
N ARG A 147 1.23 -11.11 -8.56
CA ARG A 147 2.46 -11.91 -8.51
C ARG A 147 2.17 -13.34 -8.98
N TYR A 148 3.20 -14.04 -9.51
CA TYR A 148 3.08 -15.43 -10.01
C TYR A 148 3.45 -16.45 -8.97
N ALA A 149 2.71 -17.56 -8.96
CA ALA A 149 2.92 -18.63 -8.01
C ALA A 149 4.15 -19.43 -8.42
N GLY A 150 4.87 -19.99 -7.44
CA GLY A 150 6.04 -20.79 -7.70
C GLY A 150 5.79 -22.20 -7.17
N TYR A 151 5.74 -23.19 -8.06
CA TYR A 151 5.51 -24.58 -7.66
C TYR A 151 6.73 -25.44 -8.01
N GLN A 152 6.47 -26.68 -8.45
CA GLN A 152 7.48 -27.66 -8.85
C GLN A 152 7.19 -28.32 -10.21
N THR A 157 12.91 -28.81 -10.28
CA THR A 157 12.18 -27.93 -11.17
C THR A 157 11.09 -27.15 -10.46
N ILE A 158 11.32 -25.85 -10.33
CA ILE A 158 10.39 -24.93 -9.71
C ILE A 158 9.55 -24.51 -10.87
N ARG A 159 8.24 -24.59 -10.73
CA ARG A 159 7.35 -24.21 -11.81
C ARG A 159 6.67 -22.92 -11.41
N GLY A 160 7.40 -21.83 -11.60
CA GLY A 160 6.86 -20.51 -11.28
C GLY A 160 7.87 -19.53 -10.73
N ASP A 161 7.45 -18.79 -9.70
CA ASP A 161 8.33 -17.82 -9.07
C ASP A 161 8.83 -18.49 -7.80
N ALA A 162 10.13 -18.75 -7.75
CA ALA A 162 10.75 -19.37 -6.59
C ALA A 162 10.58 -18.45 -5.39
N ALA A 163 10.53 -17.15 -5.66
CA ALA A 163 10.36 -16.14 -4.62
C ALA A 163 9.01 -16.21 -3.90
N THR A 164 7.99 -16.82 -4.52
CA THR A 164 6.65 -16.91 -3.89
C THR A 164 6.29 -18.33 -3.43
N LEU A 165 7.28 -19.21 -3.42
CA LEU A 165 7.08 -20.61 -3.02
C LEU A 165 6.33 -20.81 -1.69
N GLU A 166 6.69 -20.03 -0.67
CA GLU A 166 6.03 -20.16 0.64
C GLU A 166 4.56 -19.75 0.61
N PHE A 167 4.29 -18.54 0.10
CA PHE A 167 2.93 -18.00 0.00
C PHE A 167 2.01 -18.88 -0.87
N THR A 168 2.56 -19.43 -1.95
CA THR A 168 1.78 -20.30 -2.84
C THR A 168 1.30 -21.51 -2.05
N GLN A 169 2.19 -22.11 -1.25
CA GLN A 169 1.82 -23.26 -0.46
C GLN A 169 0.65 -22.87 0.42
N LEU A 170 0.76 -21.69 1.00
CA LEU A 170 -0.25 -21.13 1.89
C LEU A 170 -1.61 -21.03 1.23
N CYS A 171 -1.62 -20.55 -0.02
CA CYS A 171 -2.86 -20.40 -0.77
C CYS A 171 -3.52 -21.76 -1.00
N ILE A 172 -2.70 -22.73 -1.40
CA ILE A 172 -3.17 -24.09 -1.63
C ILE A 172 -3.77 -24.60 -0.32
N ASP A 173 -3.11 -24.31 0.79
CA ASP A 173 -3.59 -24.70 2.11
C ASP A 173 -4.89 -24.01 2.46
N LEU A 174 -5.08 -22.81 1.93
CA LEU A 174 -6.29 -22.06 2.20
C LEU A 174 -7.41 -22.53 1.32
N GLY A 175 -7.08 -23.43 0.39
CA GLY A 175 -8.07 -23.97 -0.50
C GLY A 175 -7.84 -23.68 -1.97
N TRP A 176 -6.96 -22.75 -2.27
CA TRP A 176 -6.71 -22.39 -3.66
C TRP A 176 -6.25 -23.56 -4.54
N LYS A 177 -6.97 -23.72 -5.64
CA LYS A 177 -6.70 -24.76 -6.64
C LYS A 177 -5.42 -24.39 -7.37
N PRO A 178 -4.32 -25.09 -7.09
CA PRO A 178 -3.10 -24.73 -7.80
C PRO A 178 -3.02 -25.34 -9.20
N ARG A 179 -2.90 -24.50 -10.20
CA ARG A 179 -2.71 -24.99 -11.56
C ARG A 179 -1.20 -25.22 -11.45
N TYR A 180 -0.49 -25.50 -12.53
CA TYR A 180 0.93 -25.71 -12.34
C TYR A 180 1.84 -25.01 -13.32
N GLY A 181 1.32 -23.97 -13.96
CA GLY A 181 2.10 -23.25 -14.92
C GLY A 181 3.15 -22.40 -14.25
N ARG A 182 3.93 -21.69 -15.05
CA ARG A 182 4.95 -20.84 -14.48
C ARG A 182 4.51 -19.39 -14.46
N PHE A 183 3.28 -19.14 -14.88
CA PHE A 183 2.73 -17.79 -14.90
C PHE A 183 1.35 -17.72 -14.28
N ASP A 184 1.15 -18.43 -13.16
CA ASP A 184 -0.14 -18.45 -12.46
C ASP A 184 -0.21 -17.24 -11.56
N VAL A 185 -1.22 -16.40 -11.76
CA VAL A 185 -1.40 -15.22 -10.92
C VAL A 185 -2.06 -15.70 -9.59
N LEU A 186 -1.38 -15.46 -8.47
CA LEU A 186 -1.86 -15.82 -7.14
C LEU A 186 -3.13 -15.04 -6.76
N PRO A 187 -4.04 -15.66 -5.97
CA PRO A 187 -5.25 -14.93 -5.59
C PRO A 187 -4.91 -13.92 -4.48
N LEU A 188 -5.88 -13.10 -4.11
CA LEU A 188 -5.67 -12.14 -3.04
C LEU A 188 -6.09 -12.83 -1.74
N VAL A 189 -5.23 -12.77 -0.72
CA VAL A 189 -5.53 -13.35 0.61
C VAL A 189 -5.78 -12.13 1.54
N LEU A 190 -7.06 -11.87 1.73
CA LEU A 190 -7.57 -10.73 2.45
C LEU A 190 -8.09 -10.97 3.84
N GLN A 191 -7.57 -10.20 4.76
CA GLN A 191 -7.98 -10.26 6.16
C GLN A 191 -8.69 -8.97 6.52
N ALA A 192 -9.93 -9.08 6.97
CA ALA A 192 -10.72 -7.93 7.33
C ALA A 192 -11.10 -8.03 8.78
N ASP A 193 -11.01 -6.91 9.47
CA ASP A 193 -11.38 -6.87 10.87
C ASP A 193 -10.72 -7.93 11.75
N GLY A 194 -9.50 -8.31 11.45
CA GLY A 194 -8.83 -9.28 12.26
C GLY A 194 -9.21 -10.74 12.09
N GLN A 195 -10.11 -11.04 11.15
CA GLN A 195 -10.51 -12.43 10.96
C GLN A 195 -9.46 -13.25 10.19
N ASP A 196 -9.81 -14.48 9.88
CA ASP A 196 -8.94 -15.34 9.12
C ASP A 196 -9.00 -14.83 7.67
N PRO A 197 -7.91 -14.96 6.91
CA PRO A 197 -7.90 -14.49 5.53
C PRO A 197 -8.83 -15.25 4.57
N GLU A 198 -9.45 -14.51 3.64
CA GLU A 198 -10.33 -15.09 2.63
C GLU A 198 -9.61 -15.01 1.31
N VAL A 199 -9.71 -16.06 0.49
CA VAL A 199 -9.03 -16.11 -0.81
C VAL A 199 -9.98 -15.66 -1.94
N PHE A 200 -9.52 -14.73 -2.79
CA PHE A 200 -10.33 -14.24 -3.90
C PHE A 200 -9.45 -14.22 -5.13
N GLU A 201 -9.95 -14.82 -6.19
CA GLU A 201 -9.28 -14.88 -7.48
C GLU A 201 -9.36 -13.48 -8.09
N ILE A 202 -8.27 -12.97 -8.63
CA ILE A 202 -8.28 -11.65 -9.28
C ILE A 202 -8.84 -11.83 -10.70
N PRO A 203 -9.92 -11.10 -11.05
CA PRO A 203 -10.49 -11.20 -12.41
C PRO A 203 -9.32 -11.07 -13.44
N PRO A 204 -9.02 -12.17 -14.17
CA PRO A 204 -7.93 -12.24 -15.17
C PRO A 204 -7.79 -11.11 -16.18
N ASP A 205 -8.90 -10.48 -16.51
CA ASP A 205 -8.91 -9.35 -17.43
C ASP A 205 -8.34 -8.09 -16.73
N LEU A 206 -8.28 -8.12 -15.39
CA LEU A 206 -7.73 -7.02 -14.60
C LEU A 206 -6.20 -7.02 -14.61
N VAL A 207 -5.63 -8.15 -15.02
CA VAL A 207 -4.18 -8.37 -15.06
C VAL A 207 -3.53 -8.15 -16.46
N LEU A 208 -2.84 -7.01 -16.60
CA LEU A 208 -2.14 -6.64 -17.84
C LEU A 208 -0.71 -7.19 -17.84
N GLU A 209 -0.39 -8.02 -18.84
CA GLU A 209 0.93 -8.62 -18.92
C GLU A 209 1.67 -8.18 -20.17
N VAL A 210 2.97 -7.94 -20.00
CA VAL A 210 3.83 -7.56 -21.10
C VAL A 210 4.50 -8.84 -21.58
N THR A 211 4.24 -9.16 -22.85
CA THR A 211 4.75 -10.36 -23.50
C THR A 211 6.19 -10.15 -23.96
N MET A 212 7.13 -10.63 -23.16
CA MET A 212 8.54 -10.47 -23.47
C MET A 212 8.94 -11.03 -24.83
N GLU A 222 8.62 -21.16 -28.51
CA GLU A 222 9.76 -20.40 -28.02
C GLU A 222 9.68 -20.19 -26.51
N LEU A 223 10.41 -19.19 -26.00
CA LEU A 223 10.43 -18.91 -24.56
C LEU A 223 9.05 -18.69 -23.94
N GLY A 224 8.13 -18.07 -24.69
CA GLY A 224 6.79 -17.82 -24.19
C GLY A 224 6.75 -16.96 -22.94
N LEU A 225 7.77 -16.13 -22.76
CA LEU A 225 7.90 -15.27 -21.58
C LEU A 225 7.06 -13.99 -21.59
N LYS A 226 6.61 -13.62 -20.39
CA LYS A 226 5.80 -12.46 -20.17
C LYS A 226 5.96 -12.00 -18.72
N TRP A 227 5.27 -10.94 -18.37
CA TRP A 227 5.34 -10.40 -17.03
C TRP A 227 4.17 -9.49 -16.81
N TYR A 228 3.81 -9.23 -15.55
CA TYR A 228 2.71 -8.32 -15.25
C TYR A 228 3.22 -6.89 -15.36
N ALA A 229 2.33 -5.98 -15.72
CA ALA A 229 2.66 -4.57 -15.92
C ALA A 229 2.65 -3.74 -14.65
N LEU A 230 1.77 -4.09 -13.72
CA LEU A 230 1.57 -3.34 -12.46
C LEU A 230 2.32 -3.79 -11.21
N PRO A 231 3.30 -2.99 -10.75
CA PRO A 231 4.07 -3.32 -9.55
C PRO A 231 3.40 -2.63 -8.34
N ALA A 232 2.72 -3.45 -7.51
CA ALA A 232 2.01 -2.93 -6.37
C ALA A 232 2.43 -3.56 -5.03
N VAL A 233 2.89 -2.75 -4.07
CA VAL A 233 3.28 -3.31 -2.78
C VAL A 233 1.99 -3.43 -2.00
N ALA A 234 1.72 -4.65 -1.51
CA ALA A 234 0.49 -4.96 -0.77
C ALA A 234 0.57 -5.08 0.75
N ASN A 235 1.77 -5.30 1.28
CA ASN A 235 1.95 -5.57 2.70
C ASN A 235 2.63 -4.56 3.64
N MET A 236 2.65 -3.27 3.29
CA MET A 236 3.28 -2.32 4.19
C MET A 236 2.31 -1.60 5.12
N LEU A 237 2.86 -0.93 6.15
CA LEU A 237 2.03 -0.23 7.12
C LEU A 237 2.30 1.30 7.05
N LEU A 238 1.23 2.09 6.99
CA LEU A 238 1.36 3.54 6.97
C LEU A 238 1.16 4.04 8.38
N GLU A 239 2.21 4.71 8.86
CA GLU A 239 2.18 5.32 10.16
C GLU A 239 2.09 6.82 9.90
N VAL A 240 1.19 7.50 10.61
CA VAL A 240 0.99 8.96 10.52
C VAL A 240 0.41 9.48 11.84
N GLY A 241 1.01 10.50 12.42
CA GLY A 241 0.47 11.03 13.67
C GLY A 241 0.10 10.04 14.75
N GLY A 242 0.89 8.99 14.91
CA GLY A 242 0.61 7.99 15.94
C GLY A 242 -0.35 6.90 15.48
N LEU A 243 -1.03 7.13 14.36
CA LEU A 243 -1.95 6.14 13.78
C LEU A 243 -1.21 5.14 12.84
N GLU A 244 -1.75 3.94 12.74
CA GLU A 244 -1.16 2.93 11.90
C GLU A 244 -2.21 2.32 10.98
N PHE A 245 -1.86 2.16 9.71
CA PHE A 245 -2.76 1.54 8.74
C PHE A 245 -2.06 0.32 8.17
N PRO A 246 -2.33 -0.88 8.72
CA PRO A 246 -1.73 -2.17 8.33
C PRO A 246 -2.04 -2.64 6.90
N ALA A 247 -3.07 -2.03 6.30
CA ALA A 247 -3.53 -2.33 4.95
C ALA A 247 -3.64 -1.04 4.17
N CYS A 248 -2.74 -0.87 3.21
CA CYS A 248 -2.68 0.33 2.39
C CYS A 248 -1.89 0.01 1.11
N PRO A 249 -2.44 -0.87 0.24
CA PRO A 249 -1.72 -1.22 -1.00
C PRO A 249 -1.47 0.00 -1.91
N PHE A 250 -0.27 0.07 -2.51
CA PHE A 250 0.09 1.16 -3.45
C PHE A 250 0.82 0.59 -4.65
N ASN A 251 1.01 1.43 -5.67
CA ASN A 251 1.73 1.02 -6.86
C ASN A 251 2.39 2.21 -7.54
N GLY A 252 3.25 1.88 -8.49
CA GLY A 252 3.92 2.86 -9.31
C GLY A 252 4.02 2.15 -10.66
N TRP A 253 5.12 2.35 -11.36
CA TRP A 253 5.37 1.64 -12.62
C TRP A 253 6.81 1.19 -12.50
N TYR A 254 7.16 0.20 -13.30
CA TYR A 254 8.49 -0.32 -13.27
C TYR A 254 9.55 0.72 -13.60
N MET A 255 10.76 0.46 -13.12
CA MET A 255 11.89 1.36 -13.34
C MET A 255 12.58 1.13 -14.69
N ASN A 300 17.70 -8.29 -20.29
CA ASN A 300 17.08 -7.22 -19.50
C ASN A 300 16.61 -6.04 -20.35
N VAL A 301 17.22 -5.89 -21.52
CA VAL A 301 16.86 -4.81 -22.45
C VAL A 301 15.67 -5.23 -23.33
N ALA A 302 15.52 -6.54 -23.54
CA ALA A 302 14.41 -7.06 -24.34
C ALA A 302 13.12 -6.60 -23.64
N VAL A 303 13.18 -6.63 -22.31
CA VAL A 303 12.08 -6.21 -21.46
C VAL A 303 11.79 -4.75 -21.70
N LEU A 304 12.84 -3.93 -21.53
CA LEU A 304 12.76 -2.47 -21.69
C LEU A 304 12.11 -2.12 -23.00
N HIS A 305 12.40 -2.93 -24.02
CA HIS A 305 11.85 -2.71 -25.33
C HIS A 305 10.37 -3.11 -25.41
N SER A 306 10.02 -4.27 -24.86
CA SER A 306 8.64 -4.76 -24.91
C SER A 306 7.66 -3.91 -24.10
N PHE A 307 8.11 -3.39 -22.96
CA PHE A 307 7.24 -2.56 -22.16
C PHE A 307 6.86 -1.36 -23.00
N GLN A 308 7.88 -0.79 -23.63
CA GLN A 308 7.70 0.37 -24.50
C GLN A 308 6.86 0.04 -25.74
N LYS A 309 7.17 -1.08 -26.38
CA LYS A 309 6.45 -1.51 -27.57
C LYS A 309 4.96 -1.71 -27.32
N GLN A 310 4.62 -2.27 -26.16
CA GLN A 310 3.23 -2.53 -25.77
C GLN A 310 2.62 -1.38 -24.98
N ASN A 311 3.34 -0.27 -24.93
CA ASN A 311 2.91 0.93 -24.26
C ASN A 311 2.53 0.82 -22.81
N VAL A 312 3.34 0.08 -22.08
CA VAL A 312 3.13 -0.05 -20.65
C VAL A 312 4.25 0.83 -20.06
N THR A 313 3.85 1.76 -19.19
CA THR A 313 4.76 2.71 -18.54
C THR A 313 5.88 2.09 -17.70
N ILE A 314 7.10 2.55 -18.00
CA ILE A 314 8.33 2.20 -17.26
C ILE A 314 9.02 3.54 -16.99
N MET A 315 9.88 3.59 -15.99
CA MET A 315 10.55 4.84 -15.69
C MET A 315 11.75 5.10 -16.62
N ASP A 316 11.46 5.37 -17.91
CA ASP A 316 12.49 5.69 -18.90
C ASP A 316 12.67 7.22 -18.89
N HIS A 317 13.66 7.75 -19.60
CA HIS A 317 13.93 9.22 -19.62
C HIS A 317 12.72 10.09 -19.92
N HIS A 318 11.90 9.65 -20.87
CA HIS A 318 10.68 10.37 -21.25
C HIS A 318 9.71 10.42 -20.06
N THR A 319 9.45 9.25 -19.47
CA THR A 319 8.57 9.14 -18.34
C THR A 319 9.16 9.92 -17.19
N ALA A 320 10.48 9.87 -17.05
CA ALA A 320 11.15 10.60 -15.98
C ALA A 320 10.91 12.10 -16.17
N SER A 321 11.04 12.57 -17.40
CA SER A 321 10.88 13.99 -17.70
C SER A 321 9.43 14.39 -17.53
N GLU A 322 8.58 13.59 -18.13
CA GLU A 322 7.14 13.77 -18.12
C GLU A 322 6.50 13.81 -16.73
N SER A 323 6.77 12.80 -15.89
CA SER A 323 6.20 12.76 -14.54
C SER A 323 6.74 13.88 -13.63
N PHE A 324 8.03 14.14 -13.70
CA PHE A 324 8.62 15.21 -12.92
C PHE A 324 7.95 16.50 -13.32
N MET A 325 7.79 16.69 -14.63
CA MET A 325 7.13 17.88 -15.17
C MET A 325 5.76 18.04 -14.53
N LYS A 326 4.93 17.00 -14.57
CA LYS A 326 3.61 17.05 -13.94
C LYS A 326 3.79 17.37 -12.45
N HIS A 327 4.68 16.65 -11.78
CA HIS A 327 4.92 16.89 -10.37
C HIS A 327 5.19 18.36 -10.10
N MET A 328 6.08 18.92 -10.92
CA MET A 328 6.51 20.31 -10.83
C MET A 328 5.41 21.28 -11.19
N GLN A 329 4.59 20.88 -12.15
CA GLN A 329 3.51 21.73 -12.57
C GLN A 329 2.39 21.62 -11.50
N ASN A 330 2.62 20.76 -10.50
CA ASN A 330 1.69 20.62 -9.38
C ASN A 330 2.09 21.66 -8.34
N GLU A 331 3.23 22.31 -8.60
CA GLU A 331 3.72 23.39 -7.73
C GLU A 331 3.21 24.68 -8.36
N TYR A 332 2.03 25.08 -7.92
CA TYR A 332 1.36 26.28 -8.39
C TYR A 332 0.06 26.49 -7.60
N VAL A 365 13.24 10.34 13.97
CA VAL A 365 12.47 9.36 13.20
C VAL A 365 11.68 10.06 12.06
N LEU A 366 11.41 9.32 11.00
CA LEU A 366 10.65 9.82 9.90
C LEU A 366 9.20 9.43 10.08
N SER A 367 8.33 10.41 9.88
CA SER A 367 6.88 10.22 9.95
C SER A 367 6.29 11.36 9.08
N PRO A 368 5.28 11.07 8.22
CA PRO A 368 4.68 9.76 8.02
C PRO A 368 5.69 8.83 7.42
N PHE A 369 5.40 7.54 7.49
CA PHE A 369 6.36 6.59 6.99
C PHE A 369 5.73 5.25 6.67
N TYR A 370 6.26 4.56 5.65
CA TYR A 370 5.78 3.22 5.29
C TYR A 370 6.68 2.16 5.90
N TYR A 371 6.12 1.39 6.84
CA TYR A 371 6.85 0.32 7.52
C TYR A 371 6.58 -1.07 6.97
N TYR A 372 7.59 -1.93 7.12
CA TYR A 372 7.43 -3.32 6.74
C TYR A 372 6.67 -3.96 7.91
N GLN A 373 6.15 -5.15 7.71
CA GLN A 373 5.39 -5.81 8.75
C GLN A 373 5.87 -7.23 8.82
N ILE A 374 5.56 -7.91 9.92
CA ILE A 374 5.93 -9.31 10.07
C ILE A 374 4.84 -10.07 9.27
N GLU A 375 5.24 -11.04 8.43
CA GLU A 375 4.32 -11.84 7.62
C GLU A 375 3.19 -12.34 8.52
N PRO A 376 1.94 -12.02 8.17
CA PRO A 376 0.72 -12.37 8.91
C PRO A 376 0.45 -13.83 9.23
N TRP A 377 0.92 -14.76 8.42
CA TRP A 377 0.70 -16.17 8.76
C TRP A 377 1.61 -16.60 9.91
N LYS A 378 2.68 -15.84 10.15
CA LYS A 378 3.63 -16.11 11.23
C LYS A 378 3.14 -15.54 12.56
N THR A 379 2.08 -14.74 12.53
CA THR A 379 1.55 -14.13 13.75
C THR A 379 0.05 -14.33 13.98
N HIS A 380 -0.67 -14.72 12.93
CA HIS A 380 -2.12 -14.92 13.00
C HIS A 380 -2.60 -16.05 13.91
N ILE A 381 -3.61 -15.71 14.72
CA ILE A 381 -4.28 -16.63 15.62
C ILE A 381 -5.59 -17.05 14.90
N TRP A 382 -5.60 -18.27 14.35
CA TRP A 382 -6.73 -18.81 13.62
C TRP A 382 -7.99 -19.08 14.43
N GLN A 383 -9.11 -18.58 13.93
CA GLN A 383 -10.40 -18.79 14.58
C GLN A 383 -10.88 -20.17 14.11
N ASN A 384 -10.70 -20.44 12.82
CA ASN A 384 -11.11 -21.69 12.19
C ASN A 384 -9.92 -22.46 11.65
#